data_6UY3
#
_entry.id   6UY3
#
_cell.length_a   118.992
_cell.length_b   118.992
_cell.length_c   118.992
_cell.angle_alpha   90.000
_cell.angle_beta   90.000
_cell.angle_gamma   90.000
#
_symmetry.space_group_name_H-M   'I 21 3'
#
loop_
_entity.id
_entity.type
_entity.pdbx_description
1 polymer 'Anti-CD33 conditional scFv'
2 non-polymer 'PHOSPHATE ION'
3 non-polymer GLYCEROL
4 non-polymer METHOTREXATE
5 water water
#
_entity_poly.entity_id   1
_entity_poly.type   'polypeptide(L)'
_entity_poly.pdbx_seq_one_letter_code
;QVQLVESGGGLVQAGGSLRLSCAASRRSSRSWAMHWVRQAPGKGLEWVAVISYDGRLKYYADSVKGRFTISRDNAEYLVY
LQMNSLRAEDTAVYYCAAEEGDGGFFDYWGQGTLVTVSSGGGGSGGGGSGGGGSGGGGSELQSVLTQPPSASGTPGQRVT
ISCSGSSSNIGSNYVNWYQQLPGTAPKLLIYRNNERPSGVPDRFSGSKSGTSASLAISGLRSEDEADYYCAAWDGSLSGR
GVFGTGTKLTVLENLYFQGGSGSHHHHHHHH
;
_entity_poly.pdbx_strand_id   A
#
loop_
_chem_comp.id
_chem_comp.type
_chem_comp.name
_chem_comp.formula
GOL non-polymer GLYCEROL 'C3 H8 O3'
MTX non-polymer METHOTREXATE 'C20 H22 N8 O5'
PO4 non-polymer 'PHOSPHATE ION' 'O4 P -3'
#
# COMPACT_ATOMS: atom_id res chain seq x y z
N VAL A 2 13.38 6.04 12.22
CA VAL A 2 12.64 4.79 12.21
C VAL A 2 12.60 4.22 10.79
N GLN A 3 13.27 3.09 10.59
CA GLN A 3 13.36 2.46 9.28
C GLN A 3 13.06 0.97 9.40
N LEU A 4 12.09 0.51 8.63
CA LEU A 4 11.82 -0.92 8.50
C LEU A 4 12.71 -1.52 7.42
N VAL A 5 13.24 -2.71 7.68
CA VAL A 5 14.19 -3.37 6.79
C VAL A 5 13.71 -4.80 6.58
N GLU A 6 13.31 -5.11 5.34
CA GLU A 6 12.97 -6.48 4.97
C GLU A 6 14.20 -7.22 4.48
N SER A 7 14.19 -8.54 4.65
CA SER A 7 15.27 -9.38 4.15
C SER A 7 14.73 -10.78 3.90
N GLY A 8 15.50 -11.56 3.14
CA GLY A 8 15.13 -12.92 2.81
C GLY A 8 14.75 -13.12 1.36
N GLY A 9 14.63 -12.06 0.57
CA GLY A 9 14.25 -12.21 -0.82
C GLY A 9 15.34 -12.86 -1.65
N GLY A 10 14.94 -13.29 -2.83
CA GLY A 10 15.85 -13.93 -3.76
C GLY A 10 15.10 -14.88 -4.67
N LEU A 11 15.87 -15.69 -5.40
CA LEU A 11 15.32 -16.65 -6.34
C LEU A 11 14.97 -17.94 -5.62
N VAL A 12 13.78 -18.47 -5.92
CA VAL A 12 13.28 -19.66 -5.25
C VAL A 12 12.51 -20.51 -6.26
N GLN A 13 12.59 -21.83 -6.07
CA GLN A 13 11.97 -22.78 -6.98
C GLN A 13 10.51 -22.99 -6.61
N ALA A 14 9.67 -23.11 -7.63
CA ALA A 14 8.23 -23.26 -7.41
C ALA A 14 7.94 -24.48 -6.55
N GLY A 15 6.97 -24.34 -5.65
CA GLY A 15 6.66 -25.36 -4.67
C GLY A 15 7.46 -25.24 -3.39
N GLY A 16 8.48 -24.39 -3.35
CA GLY A 16 9.31 -24.25 -2.17
C GLY A 16 8.69 -23.36 -1.11
N SER A 17 9.43 -23.21 -0.01
CA SER A 17 9.03 -22.37 1.11
C SER A 17 10.12 -21.33 1.35
N LEU A 18 9.71 -20.08 1.48
CA LEU A 18 10.64 -18.97 1.73
C LEU A 18 10.12 -18.15 2.91
N ARG A 19 11.02 -17.83 3.83
CA ARG A 19 10.69 -17.04 5.01
C ARG A 19 11.30 -15.66 4.88
N LEU A 20 10.45 -14.64 4.87
CA LEU A 20 10.89 -13.25 4.88
C LEU A 20 10.85 -12.71 6.30
N SER A 21 11.71 -11.72 6.57
CA SER A 21 11.79 -11.10 7.88
C SER A 21 11.69 -9.58 7.73
N CYS A 22 11.12 -8.94 8.74
CA CYS A 22 11.02 -7.48 8.79
C CYS A 22 11.55 -7.01 10.14
N ALA A 23 12.63 -6.23 10.10
CA ALA A 23 13.25 -5.69 11.30
C ALA A 23 13.05 -4.18 11.36
N ALA A 24 13.30 -3.61 12.54
CA ALA A 24 13.13 -2.19 12.77
C ALA A 24 14.42 -1.59 13.30
N SER A 25 14.72 -0.37 12.87
CA SER A 25 15.92 0.33 13.33
C SER A 25 15.78 0.86 14.74
N ARG A 26 14.55 0.97 15.25
CA ARG A 26 14.32 1.45 16.60
C ARG A 26 13.07 0.80 17.17
N ARG A 27 13.02 0.69 18.48
CA ARG A 27 11.87 0.15 19.17
C ARG A 27 10.89 1.26 19.54
N SER A 28 9.61 0.90 19.63
CA SER A 28 8.56 1.85 19.95
C SER A 28 7.82 1.43 21.21
N SER A 29 7.29 2.42 21.91
CA SER A 29 6.47 2.17 23.10
C SER A 29 5.00 1.94 22.76
N ARG A 30 4.60 2.21 21.53
CA ARG A 30 3.23 1.96 21.09
C ARG A 30 3.11 0.55 20.50
N SER A 31 1.87 0.12 20.27
CA SER A 31 1.58 -1.21 19.77
C SER A 31 1.19 -1.12 18.31
N TRP A 32 1.89 -1.88 17.46
CA TRP A 32 1.76 -1.78 16.02
C TRP A 32 1.30 -3.11 15.44
N ALA A 33 0.17 -3.09 14.73
CA ALA A 33 -0.15 -4.18 13.83
C ALA A 33 0.77 -4.10 12.62
N MET A 34 1.28 -5.25 12.19
CA MET A 34 2.27 -5.32 11.13
C MET A 34 1.70 -6.04 9.92
N HIS A 35 1.92 -5.46 8.75
CA HIS A 35 1.33 -5.94 7.50
C HIS A 35 2.42 -6.31 6.50
N TRP A 36 2.05 -7.14 5.53
CA TRP A 36 2.86 -7.39 4.36
C TRP A 36 2.06 -6.96 3.14
N VAL A 37 2.70 -6.19 2.27
CA VAL A 37 2.10 -5.72 1.01
C VAL A 37 3.08 -6.06 -0.11
N ARG A 38 2.56 -6.56 -1.22
CA ARG A 38 3.42 -6.97 -2.33
C ARG A 38 3.01 -6.26 -3.61
N GLN A 39 3.95 -6.22 -4.55
CA GLN A 39 3.77 -5.52 -5.81
C GLN A 39 4.56 -6.26 -6.88
N ALA A 40 3.84 -6.99 -7.74
CA ALA A 40 4.49 -7.62 -8.88
C ALA A 40 5.12 -6.55 -9.76
N PRO A 41 6.20 -6.87 -10.48
CA PRO A 41 6.89 -5.85 -11.29
C PRO A 41 5.95 -5.20 -12.28
N GLY A 42 5.82 -3.87 -12.16
CA GLY A 42 4.97 -3.11 -13.05
C GLY A 42 3.49 -3.18 -12.76
N LYS A 43 3.10 -3.76 -11.63
CA LYS A 43 1.70 -3.92 -11.27
C LYS A 43 1.38 -3.08 -10.04
N GLY A 44 0.13 -3.18 -9.59
CA GLY A 44 -0.30 -2.42 -8.44
C GLY A 44 0.03 -3.11 -7.12
N LEU A 45 -0.23 -2.38 -6.03
CA LEU A 45 -0.02 -2.92 -4.70
C LEU A 45 -1.13 -3.89 -4.33
N GLU A 46 -0.76 -4.98 -3.66
CA GLU A 46 -1.71 -5.98 -3.21
C GLU A 46 -1.44 -6.29 -1.75
N TRP A 47 -2.40 -6.00 -0.88
CA TRP A 47 -2.28 -6.33 0.53
C TRP A 47 -2.31 -7.84 0.72
N VAL A 48 -1.45 -8.33 1.60
CA VAL A 48 -1.20 -9.76 1.75
C VAL A 48 -1.68 -10.28 3.10
N ALA A 49 -1.21 -9.68 4.19
CA ALA A 49 -1.51 -10.24 5.50
C ALA A 49 -1.30 -9.19 6.58
N VAL A 50 -1.88 -9.46 7.75
CA VAL A 50 -1.76 -8.61 8.93
C VAL A 50 -1.67 -9.50 10.16
N ILE A 51 -0.89 -9.08 11.14
CA ILE A 51 -0.85 -9.72 12.44
C ILE A 51 -1.05 -8.65 13.51
N SER A 52 -1.89 -8.97 14.50
CA SER A 52 -2.15 -8.03 15.57
C SER A 52 -0.91 -7.86 16.45
N TYR A 53 -0.95 -6.85 17.31
CA TYR A 53 0.22 -6.48 18.10
C TYR A 53 0.72 -7.64 18.96
N ASP A 54 -0.18 -8.48 19.46
CA ASP A 54 0.19 -9.59 20.32
C ASP A 54 0.19 -10.94 19.60
N GLY A 55 -0.04 -10.95 18.28
CA GLY A 55 -0.08 -12.19 17.53
C GLY A 55 -1.36 -12.98 17.68
N ARG A 56 -2.37 -12.41 18.34
CA ARG A 56 -3.61 -13.14 18.60
C ARG A 56 -4.47 -13.26 17.35
N LEU A 57 -4.46 -12.24 16.49
CA LEU A 57 -5.36 -12.15 15.35
C LEU A 57 -4.55 -12.01 14.06
N LYS A 58 -4.94 -12.77 13.03
CA LYS A 58 -4.30 -12.70 11.73
C LYS A 58 -5.36 -12.75 10.64
N TYR A 59 -5.13 -12.01 9.56
CA TYR A 59 -5.98 -12.04 8.38
C TYR A 59 -5.10 -12.14 7.14
N TYR A 60 -5.63 -12.76 6.09
CA TYR A 60 -4.88 -13.02 4.88
C TYR A 60 -5.73 -12.66 3.66
N ALA A 61 -5.05 -12.28 2.58
CA ALA A 61 -5.72 -12.13 1.30
C ALA A 61 -6.09 -13.51 0.76
N ASP A 62 -7.20 -13.56 0.02
CA ASP A 62 -7.67 -14.84 -0.52
C ASP A 62 -6.62 -15.50 -1.40
N SER A 63 -5.79 -14.71 -2.08
CA SER A 63 -4.81 -15.24 -3.01
C SER A 63 -3.66 -15.98 -2.33
N VAL A 64 -3.48 -15.78 -1.01
CA VAL A 64 -2.40 -16.44 -0.28
C VAL A 64 -2.91 -17.26 0.90
N LYS A 65 -4.22 -17.28 1.14
CA LYS A 65 -4.76 -18.01 2.28
C LYS A 65 -4.46 -19.50 2.15
N GLY A 66 -4.09 -20.11 3.28
CA GLY A 66 -3.70 -21.50 3.29
C GLY A 66 -2.26 -21.77 2.89
N ARG A 67 -1.56 -20.79 2.34
CA ARG A 67 -0.18 -20.96 1.90
C ARG A 67 0.80 -20.09 2.67
N PHE A 68 0.41 -18.87 3.04
CA PHE A 68 1.28 -17.95 3.74
C PHE A 68 0.92 -17.91 5.22
N THR A 69 1.94 -17.80 6.07
CA THR A 69 1.75 -17.62 7.50
C THR A 69 2.54 -16.41 7.96
N ILE A 70 1.87 -15.51 8.66
CA ILE A 70 2.50 -14.34 9.26
C ILE A 70 2.65 -14.58 10.76
N SER A 71 3.79 -14.18 11.31
CA SER A 71 4.05 -14.33 12.74
C SER A 71 4.98 -13.20 13.17
N ARG A 72 5.15 -13.07 14.49
CA ARG A 72 6.01 -12.03 15.02
C ARG A 72 6.66 -12.50 16.31
N ASP A 73 7.87 -11.98 16.55
CA ASP A 73 8.63 -12.23 17.77
C ASP A 73 8.90 -10.86 18.39
N ASN A 74 8.06 -10.45 19.35
CA ASN A 74 8.19 -9.12 19.92
C ASN A 74 9.41 -8.98 20.80
N ALA A 75 9.95 -10.08 21.33
CA ALA A 75 11.20 -10.00 22.08
C ALA A 75 12.38 -9.66 21.16
N GLU A 76 12.47 -10.35 20.02
CA GLU A 76 13.49 -10.06 19.02
C GLU A 76 13.11 -8.90 18.11
N TYR A 77 11.86 -8.43 18.17
CA TYR A 77 11.38 -7.33 17.34
C TYR A 77 11.49 -7.67 15.86
N LEU A 78 10.91 -8.81 15.48
CA LEU A 78 10.91 -9.26 14.10
C LEU A 78 9.52 -9.73 13.70
N VAL A 79 9.14 -9.45 12.46
CA VAL A 79 7.92 -9.98 11.86
C VAL A 79 8.33 -10.88 10.70
N TYR A 80 7.65 -12.01 10.59
CA TYR A 80 7.97 -13.01 9.57
C TYR A 80 6.80 -13.20 8.61
N LEU A 81 7.14 -13.52 7.37
CA LEU A 81 6.16 -14.01 6.39
C LEU A 81 6.69 -15.31 5.84
N GLN A 82 6.09 -16.42 6.27
CA GLN A 82 6.46 -17.75 5.79
C GLN A 82 5.61 -18.07 4.57
N MET A 83 6.25 -18.11 3.39
CA MET A 83 5.56 -18.32 2.13
C MET A 83 5.77 -19.76 1.68
N ASN A 84 4.73 -20.59 1.82
CA ASN A 84 4.77 -21.98 1.41
C ASN A 84 4.10 -22.16 0.06
N SER A 85 4.42 -23.28 -0.59
CA SER A 85 3.80 -23.68 -1.86
C SER A 85 3.87 -22.56 -2.89
N LEU A 86 5.07 -22.02 -3.06
CA LEU A 86 5.25 -20.82 -3.86
C LEU A 86 4.89 -21.08 -5.33
N ARG A 87 4.21 -20.12 -5.93
CA ARG A 87 3.80 -20.17 -7.32
C ARG A 87 4.45 -19.02 -8.09
N ALA A 88 4.48 -19.17 -9.41
CA ALA A 88 5.03 -18.12 -10.26
C ALA A 88 4.34 -16.79 -10.02
N GLU A 89 3.04 -16.82 -9.72
CA GLU A 89 2.27 -15.61 -9.48
C GLU A 89 2.68 -14.87 -8.20
N ASP A 90 3.47 -15.51 -7.33
CA ASP A 90 3.92 -14.84 -6.12
C ASP A 90 5.14 -13.96 -6.33
N THR A 91 5.73 -13.98 -7.54
CA THR A 91 6.86 -13.13 -7.84
C THR A 91 6.49 -11.66 -7.67
N ALA A 92 7.16 -10.98 -6.74
CA ALA A 92 6.83 -9.59 -6.44
C ALA A 92 7.86 -9.04 -5.47
N VAL A 93 7.86 -7.72 -5.33
CA VAL A 93 8.54 -7.04 -4.24
C VAL A 93 7.64 -7.06 -3.02
N TYR A 94 8.18 -7.48 -1.88
CA TYR A 94 7.39 -7.63 -0.66
C TYR A 94 7.78 -6.55 0.34
N TYR A 95 6.82 -5.72 0.71
CA TYR A 95 7.00 -4.68 1.70
C TYR A 95 6.37 -5.10 3.02
N CYS A 96 7.04 -4.78 4.13
CA CYS A 96 6.42 -4.83 5.44
C CYS A 96 6.03 -3.40 5.83
N ALA A 97 4.80 -3.25 6.33
CA ALA A 97 4.25 -1.95 6.67
C ALA A 97 3.62 -2.00 8.05
N ALA A 98 3.65 -0.86 8.73
CA ALA A 98 3.26 -0.77 10.13
C ALA A 98 2.02 0.10 10.27
N GLU A 99 1.06 -0.37 11.09
CA GLU A 99 -0.15 0.36 11.40
C GLU A 99 -0.26 0.48 12.91
N GLU A 100 -0.36 1.71 13.42
CA GLU A 100 -0.50 1.90 14.85
C GLU A 100 -1.92 1.55 15.28
N GLY A 101 -2.03 0.60 16.20
CA GLY A 101 -3.31 0.18 16.74
C GLY A 101 -4.31 -0.22 15.68
N ASP A 102 -5.43 0.50 15.62
CA ASP A 102 -6.50 0.23 14.67
C ASP A 102 -6.73 1.40 13.71
N GLY A 103 -5.71 2.25 13.54
CA GLY A 103 -5.92 3.49 12.80
C GLY A 103 -6.38 3.27 11.37
N GLY A 104 -5.83 2.26 10.71
CA GLY A 104 -6.21 1.94 9.34
C GLY A 104 -5.31 2.49 8.26
N PHE A 105 -4.19 3.11 8.62
CA PHE A 105 -3.24 3.65 7.65
C PHE A 105 -1.84 3.20 8.01
N PHE A 106 -1.01 3.05 6.98
CA PHE A 106 0.36 2.54 7.13
C PHE A 106 1.31 3.72 7.19
N ASP A 107 1.82 4.01 8.40
CA ASP A 107 2.72 5.14 8.58
C ASP A 107 4.11 4.83 8.03
N TYR A 108 4.59 3.60 8.22
CA TYR A 108 5.97 3.25 7.91
C TYR A 108 6.01 2.09 6.92
N TRP A 109 6.92 2.18 5.95
CA TRP A 109 7.13 1.16 4.95
C TRP A 109 8.62 0.84 4.88
N GLY A 110 8.94 -0.44 4.70
CA GLY A 110 10.28 -0.82 4.36
C GLY A 110 10.58 -0.54 2.90
N GLN A 111 11.83 -0.78 2.51
CA GLN A 111 12.21 -0.60 1.12
C GLN A 111 11.79 -1.75 0.24
N GLY A 112 11.38 -2.87 0.82
CA GLY A 112 10.93 -4.02 0.04
C GLY A 112 12.07 -4.98 -0.27
N THR A 113 11.69 -6.24 -0.45
CA THR A 113 12.63 -7.28 -0.86
C THR A 113 11.99 -8.09 -1.99
N LEU A 114 12.76 -8.30 -3.05
CA LEU A 114 12.22 -8.94 -4.25
C LEU A 114 12.25 -10.45 -4.11
N VAL A 115 11.13 -11.10 -4.46
CA VAL A 115 11.01 -12.54 -4.46
C VAL A 115 10.69 -12.98 -5.88
N THR A 116 11.54 -13.81 -6.45
CA THR A 116 11.34 -14.35 -7.79
C THR A 116 11.13 -15.85 -7.70
N VAL A 117 9.97 -16.31 -8.15
CA VAL A 117 9.63 -17.73 -8.16
C VAL A 117 9.78 -18.23 -9.59
N SER A 118 10.72 -19.15 -9.79
CA SER A 118 11.00 -19.67 -11.12
C SER A 118 10.16 -20.91 -11.40
N SER A 119 9.54 -20.95 -12.59
CA SER A 119 8.72 -22.07 -13.01
C SER A 119 9.39 -22.94 -14.07
N GLY A 120 10.54 -22.54 -14.59
CA GLY A 120 11.21 -23.28 -15.66
C GLY A 120 11.65 -24.68 -15.27
N SER A 143 -13.49 -7.94 -3.52
CA SER A 143 -13.93 -6.65 -4.04
C SER A 143 -12.75 -5.81 -4.50
N VAL A 144 -13.03 -4.82 -5.33
CA VAL A 144 -11.99 -4.01 -5.98
C VAL A 144 -12.34 -2.54 -5.80
N LEU A 145 -11.35 -1.74 -5.42
CA LEU A 145 -11.46 -0.29 -5.43
C LEU A 145 -10.99 0.20 -6.80
N THR A 146 -11.91 0.73 -7.59
CA THR A 146 -11.63 1.08 -8.98
C THR A 146 -11.11 2.51 -9.10
N GLN A 147 -9.98 2.67 -9.78
CA GLN A 147 -9.36 3.95 -10.07
C GLN A 147 -9.17 4.10 -11.57
N PRO A 148 -9.19 5.33 -12.08
CA PRO A 148 -8.78 5.56 -13.47
C PRO A 148 -7.32 5.16 -13.66
N PRO A 149 -7.00 4.43 -14.72
CA PRO A 149 -5.61 3.98 -14.90
C PRO A 149 -4.64 5.11 -15.16
N SER A 150 -5.09 6.21 -15.76
CA SER A 150 -4.20 7.30 -16.16
C SER A 150 -4.84 8.64 -15.89
N ALA A 151 -4.04 9.57 -15.39
CA ALA A 151 -4.44 10.96 -15.21
C ALA A 151 -3.28 11.85 -15.60
N SER A 152 -3.58 13.05 -16.08
CA SER A 152 -2.53 13.94 -16.54
C SER A 152 -3.01 15.39 -16.49
N GLY A 153 -2.04 16.30 -16.35
CA GLY A 153 -2.31 17.72 -16.37
C GLY A 153 -1.02 18.49 -16.56
N THR A 154 -1.16 19.77 -16.77
CA THR A 154 -0.01 20.64 -16.94
C THR A 154 0.36 21.26 -15.60
N PRO A 155 1.59 21.79 -15.46
CA PRO A 155 1.95 22.46 -14.22
C PRO A 155 0.97 23.58 -13.87
N GLY A 156 0.64 23.66 -12.58
CA GLY A 156 -0.29 24.65 -12.08
C GLY A 156 -1.75 24.22 -12.09
N GLN A 157 -2.09 23.18 -12.84
CA GLN A 157 -3.48 22.74 -12.94
C GLN A 157 -3.88 21.92 -11.71
N ARG A 158 -5.18 21.67 -11.61
CA ARG A 158 -5.75 20.83 -10.56
C ARG A 158 -6.24 19.53 -11.19
N VAL A 159 -5.80 18.41 -10.62
CA VAL A 159 -6.16 17.08 -11.12
C VAL A 159 -6.88 16.33 -10.02
N THR A 160 -7.92 15.59 -10.39
CA THR A 160 -8.69 14.78 -9.47
C THR A 160 -8.56 13.31 -9.85
N ILE A 161 -8.48 12.45 -8.83
CA ILE A 161 -8.37 11.01 -9.02
C ILE A 161 -9.44 10.35 -8.15
N SER A 162 -10.32 9.60 -8.78
CA SER A 162 -11.44 8.97 -8.10
C SER A 162 -11.11 7.54 -7.70
N CYS A 163 -11.82 7.08 -6.67
CA CYS A 163 -11.69 5.70 -6.20
C CYS A 163 -13.07 5.24 -5.75
N SER A 164 -13.67 4.31 -6.48
CA SER A 164 -15.04 3.87 -6.23
C SER A 164 -15.03 2.44 -5.70
N GLY A 165 -15.75 2.22 -4.61
CA GLY A 165 -15.82 0.91 -3.98
C GLY A 165 -17.26 0.51 -3.73
N SER A 166 -17.48 -0.19 -2.62
CA SER A 166 -18.79 -0.70 -2.23
C SER A 166 -19.11 -0.24 -0.82
N SER A 167 -20.32 -0.60 -0.36
CA SER A 167 -20.73 -0.23 0.99
C SER A 167 -19.87 -0.92 2.05
N SER A 168 -19.35 -2.11 1.76
CA SER A 168 -18.58 -2.85 2.74
C SER A 168 -17.17 -2.31 2.92
N ASN A 169 -16.57 -1.74 1.86
CA ASN A 169 -15.24 -1.18 2.01
C ASN A 169 -15.27 0.32 2.23
N ILE A 170 -15.30 1.10 1.15
CA ILE A 170 -15.24 2.56 1.29
C ILE A 170 -16.46 3.08 2.06
N GLY A 171 -17.64 2.51 1.79
CA GLY A 171 -18.84 2.93 2.49
C GLY A 171 -18.83 2.64 3.99
N SER A 172 -17.82 1.93 4.48
CA SER A 172 -17.77 1.55 5.89
C SER A 172 -16.42 1.80 6.55
N ASN A 173 -15.51 2.52 5.91
CA ASN A 173 -14.19 2.71 6.48
C ASN A 173 -13.59 4.03 6.02
N TYR A 174 -12.62 4.50 6.78
CA TYR A 174 -11.78 5.60 6.32
C TYR A 174 -11.06 5.19 5.04
N VAL A 175 -10.85 6.16 4.16
CA VAL A 175 -10.08 5.95 2.94
C VAL A 175 -8.73 6.62 3.11
N ASN A 176 -7.67 5.92 2.68
CA ASN A 176 -6.32 6.46 2.71
C ASN A 176 -5.77 6.51 1.29
N TRP A 177 -4.75 7.34 1.10
CA TRP A 177 -4.10 7.50 -0.19
C TRP A 177 -2.59 7.38 -0.02
N TYR A 178 -1.96 6.67 -0.95
CA TYR A 178 -0.52 6.45 -0.93
C TYR A 178 0.08 6.86 -2.26
N GLN A 179 1.22 7.55 -2.18
CA GLN A 179 1.95 8.00 -3.36
C GLN A 179 3.23 7.19 -3.51
N GLN A 180 3.48 6.70 -4.71
CA GLN A 180 4.67 5.91 -5.00
C GLN A 180 5.43 6.56 -6.16
N LEU A 181 6.49 7.29 -5.83
CA LEU A 181 7.38 7.82 -6.83
C LEU A 181 8.12 6.69 -7.52
N PRO A 182 8.59 6.91 -8.76
CA PRO A 182 9.26 5.82 -9.49
C PRO A 182 10.48 5.30 -8.75
N GLY A 183 10.50 3.98 -8.55
CA GLY A 183 11.63 3.33 -7.91
C GLY A 183 11.71 3.51 -6.40
N THR A 184 10.60 3.82 -5.74
CA THR A 184 10.58 4.05 -4.30
C THR A 184 9.45 3.25 -3.67
N ALA A 185 9.49 3.17 -2.35
CA ALA A 185 8.43 2.53 -1.58
C ALA A 185 7.25 3.48 -1.44
N PRO A 186 6.02 2.94 -1.32
CA PRO A 186 4.86 3.81 -1.15
C PRO A 186 4.96 4.62 0.14
N LYS A 187 4.35 5.81 0.11
CA LYS A 187 4.39 6.72 1.25
C LYS A 187 2.98 7.24 1.52
N LEU A 188 2.61 7.30 2.79
CA LEU A 188 1.30 7.80 3.17
C LEU A 188 1.15 9.25 2.75
N LEU A 189 0.06 9.55 2.06
CA LEU A 189 -0.21 10.88 1.54
C LEU A 189 -1.47 11.49 2.16
N ILE A 190 -2.56 10.73 2.23
CA ILE A 190 -3.79 11.16 2.88
C ILE A 190 -4.28 10.01 3.75
N TYR A 191 -4.65 10.32 4.98
CA TYR A 191 -5.22 9.32 5.88
C TYR A 191 -6.49 9.87 6.51
N ARG A 192 -7.39 8.96 6.86
CA ARG A 192 -8.68 9.31 7.47
C ARG A 192 -9.45 10.30 6.58
N ASN A 193 -9.58 9.94 5.30
CA ASN A 193 -10.36 10.66 4.30
C ASN A 193 -9.70 11.97 3.85
N ASN A 194 -9.19 12.78 4.80
CA ASN A 194 -8.75 14.11 4.40
C ASN A 194 -7.59 14.67 5.23
N GLU A 195 -6.95 13.88 6.10
CA GLU A 195 -5.86 14.39 6.91
C GLU A 195 -4.52 14.19 6.20
N ARG A 196 -3.61 15.12 6.44
CA ARG A 196 -2.30 15.10 5.81
C ARG A 196 -1.21 14.87 6.84
N PRO A 197 -0.27 13.97 6.58
CA PRO A 197 0.89 13.84 7.47
C PRO A 197 1.77 15.09 7.41
N SER A 198 2.66 15.18 8.39
CA SER A 198 3.62 16.28 8.41
C SER A 198 4.58 16.12 7.23
N GLY A 199 4.66 17.15 6.39
CA GLY A 199 5.47 17.11 5.20
C GLY A 199 4.70 16.94 3.91
N VAL A 200 3.39 16.74 3.98
CA VAL A 200 2.53 16.67 2.81
C VAL A 200 1.88 18.04 2.62
N PRO A 201 2.19 18.77 1.56
CA PRO A 201 1.67 20.14 1.42
C PRO A 201 0.15 20.16 1.26
N ASP A 202 -0.42 21.33 1.52
CA ASP A 202 -1.86 21.53 1.41
C ASP A 202 -2.36 21.46 -0.02
N ARG A 203 -1.47 21.34 -1.01
CA ARG A 203 -1.90 21.11 -2.38
C ARG A 203 -2.68 19.81 -2.50
N PHE A 204 -2.35 18.82 -1.68
CA PHE A 204 -3.05 17.54 -1.68
C PHE A 204 -4.23 17.61 -0.73
N SER A 205 -5.39 17.19 -1.22
CA SER A 205 -6.60 17.18 -0.40
C SER A 205 -7.44 15.97 -0.78
N GLY A 206 -8.03 15.33 0.23
CA GLY A 206 -8.86 14.17 0.01
C GLY A 206 -10.30 14.38 0.43
N SER A 207 -11.21 13.61 -0.15
CA SER A 207 -12.62 13.68 0.20
C SER A 207 -13.23 12.30 0.05
N LYS A 208 -14.36 12.09 0.74
CA LYS A 208 -15.08 10.83 0.67
C LYS A 208 -16.57 11.11 0.78
N SER A 209 -17.35 10.42 -0.05
CA SER A 209 -18.80 10.59 -0.06
C SER A 209 -19.42 9.26 -0.45
N GLY A 210 -20.11 8.62 0.48
CA GLY A 210 -20.79 7.38 0.17
C GLY A 210 -19.80 6.26 -0.08
N THR A 211 -19.87 5.66 -1.28
CA THR A 211 -19.03 4.55 -1.66
C THR A 211 -17.84 4.96 -2.52
N SER A 212 -17.56 6.26 -2.61
CA SER A 212 -16.47 6.76 -3.44
C SER A 212 -15.62 7.75 -2.65
N ALA A 213 -14.37 7.88 -3.07
CA ALA A 213 -13.45 8.87 -2.54
C ALA A 213 -12.71 9.49 -3.71
N SER A 214 -12.05 10.62 -3.45
CA SER A 214 -11.29 11.29 -4.49
C SER A 214 -10.10 12.01 -3.87
N LEU A 215 -8.99 11.99 -4.59
CA LEU A 215 -7.80 12.75 -4.24
C LEU A 215 -7.68 13.94 -5.21
N ALA A 216 -7.49 15.13 -4.65
CA ALA A 216 -7.37 16.36 -5.44
C ALA A 216 -5.96 16.91 -5.27
N ILE A 217 -5.29 17.15 -6.39
CA ILE A 217 -3.94 17.70 -6.40
C ILE A 217 -3.99 19.03 -7.13
N SER A 218 -3.89 20.13 -6.38
CA SER A 218 -3.85 21.47 -6.93
CA SER A 218 -3.86 21.47 -6.94
C SER A 218 -2.42 21.95 -7.07
N GLY A 219 -2.21 22.90 -7.98
CA GLY A 219 -0.88 23.41 -8.24
C GLY A 219 0.08 22.32 -8.65
N LEU A 220 -0.30 21.55 -9.66
CA LEU A 220 0.47 20.38 -10.09
C LEU A 220 1.92 20.73 -10.38
N ARG A 221 2.84 19.92 -9.88
CA ARG A 221 4.26 20.14 -10.07
C ARG A 221 4.92 18.89 -10.63
N SER A 222 6.12 19.07 -11.18
CA SER A 222 6.84 17.94 -11.77
C SER A 222 7.05 16.84 -10.74
N GLU A 223 7.24 17.21 -9.47
CA GLU A 223 7.51 16.23 -8.43
C GLU A 223 6.31 15.34 -8.14
N ASP A 224 5.11 15.76 -8.56
CA ASP A 224 3.90 14.98 -8.32
C ASP A 224 3.74 13.80 -9.27
N GLU A 225 4.58 13.68 -10.29
CA GLU A 225 4.49 12.55 -11.20
C GLU A 225 4.82 11.26 -10.45
N ALA A 226 3.82 10.40 -10.29
CA ALA A 226 3.97 9.18 -9.51
C ALA A 226 2.72 8.33 -9.71
N ASP A 227 2.71 7.17 -9.07
CA ASP A 227 1.52 6.32 -8.99
C ASP A 227 0.80 6.61 -7.68
N TYR A 228 -0.53 6.63 -7.74
CA TYR A 228 -1.35 6.96 -6.58
C TYR A 228 -2.33 5.84 -6.33
N TYR A 229 -2.43 5.39 -5.08
CA TYR A 229 -3.28 4.27 -4.70
C TYR A 229 -4.22 4.69 -3.58
N CYS A 230 -5.51 4.45 -3.75
CA CYS A 230 -6.42 4.53 -2.62
C CYS A 230 -6.40 3.19 -1.87
N ALA A 231 -6.88 3.21 -0.63
CA ALA A 231 -6.79 2.03 0.21
C ALA A 231 -7.86 2.12 1.29
N ALA A 232 -8.51 0.99 1.54
CA ALA A 232 -9.49 0.87 2.62
C ALA A 232 -9.42 -0.52 3.23
N TRP A 233 -10.55 -1.02 3.71
CA TRP A 233 -10.60 -2.33 4.35
C TRP A 233 -11.89 -3.02 3.95
N ASP A 234 -11.90 -4.35 4.04
CA ASP A 234 -13.03 -5.12 3.58
C ASP A 234 -13.17 -6.37 4.44
N GLY A 235 -14.28 -7.07 4.25
CA GLY A 235 -14.65 -8.21 5.07
C GLY A 235 -15.74 -7.87 6.07
N SER A 236 -16.29 -8.92 6.68
CA SER A 236 -17.43 -8.76 7.58
C SER A 236 -17.11 -7.83 8.74
N LEU A 237 -15.84 -7.79 9.16
CA LEU A 237 -15.40 -6.86 10.20
C LEU A 237 -14.30 -5.94 9.68
N SER A 238 -14.19 -5.77 8.36
CA SER A 238 -13.16 -4.94 7.73
C SER A 238 -11.77 -5.32 8.21
N GLY A 239 -11.51 -6.63 8.25
CA GLY A 239 -10.23 -7.11 8.75
C GLY A 239 -9.14 -7.17 7.71
N ARG A 240 -9.53 -7.20 6.44
CA ARG A 240 -8.58 -7.34 5.33
C ARG A 240 -8.35 -5.99 4.66
N GLY A 241 -7.10 -5.70 4.35
CA GLY A 241 -6.78 -4.51 3.59
C GLY A 241 -7.04 -4.70 2.11
N VAL A 242 -7.31 -3.59 1.43
CA VAL A 242 -7.56 -3.62 -0.01
C VAL A 242 -7.05 -2.31 -0.61
N PHE A 243 -6.17 -2.43 -1.60
CA PHE A 243 -5.64 -1.29 -2.33
C PHE A 243 -6.40 -1.10 -3.63
N GLY A 244 -6.56 0.16 -4.02
CA GLY A 244 -7.15 0.47 -5.31
C GLY A 244 -6.27 0.00 -6.46
N THR A 245 -6.84 0.01 -7.66
CA THR A 245 -6.14 -0.50 -8.83
C THR A 245 -4.97 0.39 -9.25
N GLY A 246 -4.91 1.63 -8.77
CA GLY A 246 -3.76 2.47 -9.05
C GLY A 246 -3.95 3.43 -10.21
N THR A 247 -3.41 4.64 -10.07
CA THR A 247 -3.51 5.67 -11.10
C THR A 247 -2.12 6.24 -11.35
N LYS A 248 -1.67 6.20 -12.60
CA LYS A 248 -0.41 6.80 -13.00
C LYS A 248 -0.66 8.26 -13.37
N LEU A 249 -0.05 9.17 -12.63
CA LEU A 249 -0.21 10.61 -12.86
C LEU A 249 0.99 11.12 -13.64
N THR A 250 0.74 11.68 -14.82
CA THR A 250 1.77 12.27 -15.65
CA THR A 250 1.76 12.27 -15.66
C THR A 250 1.63 13.78 -15.63
N VAL A 251 2.72 14.48 -15.32
CA VAL A 251 2.76 15.93 -15.34
C VAL A 251 3.34 16.33 -16.69
N LEU A 252 2.49 16.81 -17.58
CA LEU A 252 2.90 17.05 -18.96
C LEU A 252 3.88 18.22 -19.06
N GLU A 253 4.91 18.04 -19.88
CA GLU A 253 5.84 19.12 -20.19
C GLU A 253 5.24 19.96 -21.32
N ASN A 254 4.15 20.65 -20.99
CA ASN A 254 3.39 21.41 -21.96
C ASN A 254 2.63 22.52 -21.25
N LEU A 255 2.27 23.54 -22.01
CA LEU A 255 1.41 24.61 -21.55
C LEU A 255 -0.05 24.24 -21.77
N TYR A 256 -0.95 25.02 -21.15
CA TYR A 256 -2.38 24.83 -21.38
C TYR A 256 -3.04 26.12 -21.85
N PHE A 257 -2.29 27.03 -22.44
CA PHE A 257 -2.87 28.15 -23.17
C PHE A 257 -3.34 27.69 -24.54
N GLN A 258 -4.23 28.48 -25.14
CA GLN A 258 -4.67 28.18 -26.51
C GLN A 258 -3.51 28.34 -27.49
N GLY A 259 -2.76 29.42 -27.36
CA GLY A 259 -1.64 29.70 -28.25
C GLY A 259 -1.53 31.17 -28.59
P PO4 B . -0.84 24.97 -27.96
O1 PO4 B . 0.29 25.24 -28.94
O2 PO4 B . -0.45 23.85 -27.03
O3 PO4 B . -2.08 24.59 -28.72
O4 PO4 B . -1.11 26.22 -27.16
C1 GOL C . 4.63 15.03 -3.63
O1 GOL C . 4.98 15.62 -4.84
C2 GOL C . 5.57 15.60 -2.56
O2 GOL C . 5.16 16.84 -2.12
C3 GOL C . 5.56 14.53 -1.43
O3 GOL C . 4.33 14.65 -0.78
C1 GOL D . -15.34 12.07 -3.76
O1 GOL D . -15.95 12.26 -2.52
C2 GOL D . -16.31 11.22 -4.61
O2 GOL D . -17.36 11.98 -5.11
C3 GOL D . -15.43 10.63 -5.74
O3 GOL D . -15.08 11.69 -6.58
C1 GOL E . -5.97 -4.49 12.92
O1 GOL E . -4.94 -3.88 12.19
C2 GOL E . -5.37 -5.78 13.54
O2 GOL E . -4.60 -5.48 14.65
C3 GOL E . -6.60 -6.64 13.89
O3 GOL E . -7.31 -6.83 12.70
C1 GOL F . -1.60 36.03 -20.71
O1 GOL F . -2.39 37.05 -21.24
C2 GOL F . -2.24 34.69 -21.13
O2 GOL F . -1.96 34.37 -22.44
C3 GOL F . -1.71 33.66 -20.13
O3 GOL F . -2.25 33.99 -18.89
N1 MTX G . 7.15 -5.54 16.23
C2 MTX G . 7.79 -6.68 15.81
NA2 MTX G . 7.48 -7.86 16.33
N3 MTX G . 8.77 -6.60 14.83
C4 MTX G . 9.11 -5.38 14.27
NA4 MTX G . 9.78 -5.34 13.14
C4A MTX G . 8.45 -4.23 14.70
N5 MTX G . 8.78 -3.00 14.16
C6 MTX G . 8.14 -1.86 14.59
C7 MTX G . 7.15 -1.94 15.56
N8 MTX G . 6.83 -3.17 16.12
C8A MTX G . 7.48 -4.31 15.69
C9 MTX G . 8.53 -0.53 13.96
N10 MTX G . 7.64 0.55 14.35
CM MTX G . 6.38 0.72 13.61
C11 MTX G . 8.92 4.03 16.31
C12 MTX G . 7.73 4.01 15.60
C13 MTX G . 7.33 2.84 14.96
C14 MTX G . 8.11 1.70 15.03
C15 MTX G . 9.31 1.72 15.74
C16 MTX G . 9.77 2.92 16.28
C MTX G . 9.30 5.32 16.97
O MTX G . 8.76 6.51 16.48
N MTX G . 10.14 5.31 18.01
CA MTX G . 10.60 6.58 18.55
CT MTX G . 12.10 6.60 18.69
O1 MTX G . 12.73 5.54 18.79
O2 MTX G . 12.71 7.69 18.70
CB MTX G . 9.98 6.85 19.92
CG MTX G . 8.49 7.14 19.81
CD MTX G . 7.71 5.84 19.90
OE1 MTX G . 6.83 5.56 19.06
OE2 MTX G . 7.96 5.02 20.81
#